data_7S48
#
_entry.id   7S48
#
_cell.length_a   61.735
_cell.length_b   61.735
_cell.length_c   179.987
_cell.angle_alpha   90.000
_cell.angle_beta   90.000
_cell.angle_gamma   90.000
#
_symmetry.space_group_name_H-M   'P 41 21 2'
#
loop_
_entity.id
_entity.type
_entity.pdbx_description
1 polymer 'Serine/threonine-protein kinase PAK 4'
2 polymer 'Integrin beta-5'
3 water water
#
loop_
_entity_poly.entity_id
_entity_poly.type
_entity_poly.pdbx_seq_one_letter_code
_entity_poly.pdbx_strand_id
1 'polypeptide(L)'
;MGSSHHHHHHSSGLVPRGSHMENLYFQGARARQENGMPEKPPGPRSPQREPQRVSHEQFRAALQLVVDPGDPRSYLDNFI
KIGEGSTGIVCIATVRSSGKLVAVKKMDLRKQQRRELLFNEVVIMRDYQHENVVEMYNSYLVGDELWVVMEFLEGGALTD
IVTHTRMNEEQIAAVCLAVLQALSVLHAQGVIHRDIKSDSILLTHDGRVKLSDFGFCAQVSKEVPRRK(SEP)LVGTPYW
MAPELISRLPYGPEVDIWSLGIMVIEMVDGEPPYFNEPPLKAMKMIRDNLPPRLKNLHKVSPSLKGFLDRLLVRDPAQRA
TAAELLKHPFLAKAGPPASIVPLMRQNRTR
;
A
2 'polypeptide(L)' ERSRARYEMAS B
#
# COMPACT_ATOMS: atom_id res chain seq x y z
N SER A 55 -17.31 -21.87 13.90
CA SER A 55 -16.66 -20.50 13.96
C SER A 55 -15.86 -20.12 12.71
N HIS A 56 -14.94 -21.00 12.31
CA HIS A 56 -14.40 -20.93 10.95
C HIS A 56 -15.57 -21.12 9.98
N GLU A 57 -16.36 -22.17 10.19
CA GLU A 57 -17.58 -22.42 9.37
C GLU A 57 -18.56 -21.24 9.43
N GLN A 58 -18.69 -20.65 10.62
CA GLN A 58 -19.53 -19.50 10.78
C GLN A 58 -19.04 -18.34 9.91
N PHE A 59 -17.73 -18.13 9.91
CA PHE A 59 -17.18 -17.04 9.10
C PHE A 59 -17.27 -17.30 7.60
N ARG A 60 -16.99 -18.54 7.16
CA ARG A 60 -17.14 -18.90 5.73
C ARG A 60 -18.55 -18.60 5.21
N ALA A 61 -19.56 -18.97 5.98
CA ALA A 61 -20.96 -18.69 5.65
C ALA A 61 -21.20 -17.17 5.48
N ALA A 62 -20.68 -16.39 6.42
CA ALA A 62 -20.83 -14.93 6.35
C ALA A 62 -20.19 -14.32 5.10
N LEU A 63 -18.95 -14.72 4.82
CA LEU A 63 -18.30 -14.30 3.56
C LEU A 63 -19.08 -14.68 2.31
N GLN A 64 -19.67 -15.87 2.32
CA GLN A 64 -20.44 -16.35 1.17
C GLN A 64 -21.54 -15.41 0.78
N LEU A 65 -22.13 -14.73 1.76
CA LEU A 65 -23.24 -13.82 1.47
C LEU A 65 -22.77 -12.53 0.83
N VAL A 66 -21.50 -12.17 0.95
CA VAL A 66 -21.04 -10.91 0.36
C VAL A 66 -20.25 -11.02 -0.95
N VAL A 67 -19.76 -12.22 -1.27
CA VAL A 67 -18.87 -12.44 -2.42
C VAL A 67 -19.71 -12.87 -3.60
N ASP A 68 -19.12 -12.90 -4.78
CA ASP A 68 -19.81 -13.35 -5.98
C ASP A 68 -19.99 -14.87 -5.93
N PRO A 69 -21.09 -15.41 -6.53
CA PRO A 69 -21.24 -16.86 -6.57
C PRO A 69 -20.24 -17.55 -7.45
N GLY A 70 -19.92 -18.79 -7.16
CA GLY A 70 -19.21 -19.63 -8.07
C GLY A 70 -17.73 -19.69 -7.81
N ASP A 71 -16.98 -20.08 -8.84
CA ASP A 71 -15.61 -20.48 -8.67
C ASP A 71 -14.81 -20.03 -9.87
N PRO A 72 -13.83 -19.13 -9.68
CA PRO A 72 -13.23 -18.59 -10.90
C PRO A 72 -12.33 -19.59 -11.64
N ARG A 73 -12.05 -20.74 -11.03
CA ARG A 73 -11.33 -21.82 -11.73
C ARG A 73 -12.08 -22.24 -12.96
N SER A 74 -13.39 -22.00 -13.00
CA SER A 74 -14.18 -22.31 -14.19
C SER A 74 -13.78 -21.44 -15.40
N TYR A 75 -13.13 -20.29 -15.19
CA TYR A 75 -12.73 -19.44 -16.34
C TYR A 75 -11.27 -19.03 -16.38
N LEU A 76 -10.49 -19.45 -15.38
CA LEU A 76 -9.05 -19.16 -15.32
C LEU A 76 -8.15 -20.41 -15.44
N ASP A 77 -7.00 -20.25 -16.10
CA ASP A 77 -6.03 -21.32 -16.30
C ASP A 77 -4.65 -20.88 -15.77
N ASN A 78 -3.81 -21.88 -15.48
CA ASN A 78 -2.35 -21.67 -15.28
C ASN A 78 -2.03 -20.67 -14.19
N PHE A 79 -2.52 -20.98 -12.99
CA PHE A 79 -2.22 -20.17 -11.81
C PHE A 79 -0.72 -20.28 -11.50
N ILE A 80 -0.05 -19.15 -11.38
CA ILE A 80 1.37 -19.13 -11.01
C ILE A 80 1.54 -18.13 -9.89
N LYS A 81 2.15 -18.57 -8.78
CA LYS A 81 2.37 -17.68 -7.62
C LYS A 81 3.42 -16.65 -7.95
N ILE A 82 3.13 -15.38 -7.72
CA ILE A 82 4.07 -14.29 -7.95
C ILE A 82 4.44 -13.50 -6.72
N GLY A 83 3.72 -13.68 -5.60
CA GLY A 83 3.88 -12.81 -4.46
C GLY A 83 3.25 -13.38 -3.20
N GLU A 84 3.71 -12.86 -2.07
CA GLU A 84 3.11 -13.02 -0.76
C GLU A 84 2.93 -11.66 -0.07
N GLY A 85 1.96 -11.64 0.83
CA GLY A 85 1.76 -10.49 1.70
C GLY A 85 1.51 -11.08 3.05
N SER A 86 1.00 -10.26 3.94
CA SER A 86 0.65 -10.74 5.29
C SER A 86 -0.62 -11.60 5.27
N THR A 87 -1.57 -11.29 4.38
CA THR A 87 -2.88 -11.94 4.40
C THR A 87 -3.01 -13.14 3.47
N GLY A 88 -2.10 -13.25 2.48
CA GLY A 88 -1.98 -14.48 1.71
C GLY A 88 -1.14 -14.28 0.47
N ILE A 89 -1.45 -15.05 -0.56
CA ILE A 89 -0.63 -15.10 -1.78
C ILE A 89 -1.31 -14.41 -2.98
N VAL A 90 -0.50 -14.06 -3.96
CA VAL A 90 -0.97 -13.46 -5.19
C VAL A 90 -0.44 -14.32 -6.33
N CYS A 91 -1.34 -14.68 -7.24
CA CYS A 91 -1.05 -15.48 -8.41
C CYS A 91 -1.42 -14.72 -9.66
N ILE A 92 -0.72 -15.01 -10.75
N ILE A 92 -0.70 -14.99 -10.75
CA ILE A 92 -1.15 -14.58 -12.07
CA ILE A 92 -1.17 -14.62 -12.08
C ILE A 92 -1.99 -15.77 -12.61
C ILE A 92 -2.06 -15.77 -12.54
N ALA A 93 -3.02 -15.46 -13.39
CA ALA A 93 -3.83 -16.48 -14.05
C ALA A 93 -4.18 -15.98 -15.40
N THR A 94 -4.46 -16.93 -16.29
CA THR A 94 -4.80 -16.63 -17.66
C THR A 94 -6.31 -16.79 -17.84
N VAL A 95 -6.97 -15.79 -18.41
CA VAL A 95 -8.40 -15.92 -18.76
C VAL A 95 -8.49 -16.75 -19.99
N ARG A 96 -9.15 -17.88 -19.86
CA ARG A 96 -9.19 -18.85 -20.93
C ARG A 96 -9.80 -18.35 -22.24
N SER A 97 -10.87 -17.57 -22.15
CA SER A 97 -11.57 -17.14 -23.36
C SER A 97 -10.71 -16.15 -24.16
N SER A 98 -9.94 -15.31 -23.47
CA SER A 98 -9.26 -14.16 -24.08
C SER A 98 -7.75 -14.29 -24.20
N GLY A 99 -7.13 -15.10 -23.33
CA GLY A 99 -5.68 -15.10 -23.18
C GLY A 99 -5.16 -13.96 -22.32
N LYS A 100 -6.05 -13.15 -21.74
CA LYS A 100 -5.65 -12.02 -21.00
C LYS A 100 -5.18 -12.47 -19.61
N LEU A 101 -4.30 -11.69 -19.00
CA LEU A 101 -3.81 -12.00 -17.67
C LEU A 101 -4.51 -11.22 -16.57
N VAL A 102 -4.84 -11.90 -15.48
CA VAL A 102 -5.35 -11.24 -14.26
C VAL A 102 -4.56 -11.69 -13.09
N ALA A 103 -4.74 -11.02 -11.95
CA ALA A 103 -4.14 -11.38 -10.68
C ALA A 103 -5.22 -11.93 -9.78
N VAL A 104 -4.87 -12.89 -8.95
CA VAL A 104 -5.80 -13.51 -8.00
C VAL A 104 -5.14 -13.53 -6.65
N LYS A 105 -5.70 -12.80 -5.72
CA LYS A 105 -5.22 -12.77 -4.34
C LYS A 105 -5.98 -13.86 -3.57
N LYS A 106 -5.26 -14.80 -2.94
CA LYS A 106 -5.84 -15.90 -2.19
C LYS A 106 -5.52 -15.75 -0.69
N MET A 107 -6.54 -15.72 0.16
CA MET A 107 -6.38 -15.44 1.59
C MET A 107 -7.06 -16.55 2.37
N ASP A 108 -6.28 -17.34 3.13
CA ASP A 108 -6.82 -18.40 3.91
C ASP A 108 -7.51 -17.79 5.13
N LEU A 109 -8.77 -18.13 5.30
CA LEU A 109 -9.56 -17.59 6.42
C LEU A 109 -8.98 -18.00 7.80
N ARG A 110 -8.37 -19.15 7.87
CA ARG A 110 -7.75 -19.67 9.10
C ARG A 110 -6.39 -19.07 9.47
N LYS A 111 -5.80 -18.28 8.58
CA LYS A 111 -4.46 -17.74 8.79
C LYS A 111 -4.47 -16.25 9.06
N GLN A 112 -5.62 -15.64 9.34
CA GLN A 112 -5.67 -14.20 9.60
C GLN A 112 -5.59 -13.93 11.12
N GLN A 113 -4.84 -12.90 11.49
CA GLN A 113 -4.83 -12.39 12.86
C GLN A 113 -6.23 -11.83 13.20
N ARG A 114 -6.78 -11.02 12.28
CA ARG A 114 -8.14 -10.47 12.39
C ARG A 114 -8.96 -10.81 11.17
N ARG A 115 -9.73 -11.89 11.27
CA ARG A 115 -10.49 -12.43 10.14
C ARG A 115 -11.43 -11.43 9.56
N GLU A 116 -12.07 -10.67 10.45
CA GLU A 116 -13.04 -9.66 10.03
C GLU A 116 -12.49 -8.60 9.11
N LEU A 117 -11.18 -8.38 9.11
CA LEU A 117 -10.61 -7.39 8.17
C LEU A 117 -10.70 -7.85 6.68
N LEU A 118 -10.95 -9.14 6.45
CA LEU A 118 -11.14 -9.63 5.07
C LEU A 118 -12.28 -8.96 4.35
N PHE A 119 -13.27 -8.48 5.10
CA PHE A 119 -14.32 -7.67 4.49
C PHE A 119 -13.82 -6.39 3.81
N ASN A 120 -12.65 -5.88 4.18
CA ASN A 120 -12.11 -4.65 3.57
C ASN A 120 -11.93 -4.84 2.08
N GLU A 121 -11.51 -6.03 1.68
CA GLU A 121 -11.39 -6.37 0.27
C GLU A 121 -12.77 -6.12 -0.46
N VAL A 122 -13.86 -6.56 0.15
CA VAL A 122 -15.18 -6.36 -0.43
C VAL A 122 -15.67 -4.90 -0.36
N VAL A 123 -15.59 -4.27 0.80
CA VAL A 123 -15.91 -2.84 0.93
C VAL A 123 -15.15 -1.94 -0.11
N ILE A 124 -13.87 -2.15 -0.33
CA ILE A 124 -13.14 -1.28 -1.28
C ILE A 124 -13.58 -1.55 -2.73
N MET A 125 -13.68 -2.81 -3.11
CA MET A 125 -14.14 -3.20 -4.46
C MET A 125 -15.49 -2.62 -4.85
N ARG A 126 -16.43 -2.73 -3.92
CA ARG A 126 -17.78 -2.20 -4.13
C ARG A 126 -17.86 -0.68 -4.20
N ASP A 127 -16.97 0.04 -3.50
CA ASP A 127 -17.25 1.45 -3.24
C ASP A 127 -16.18 2.46 -3.65
N TYR A 128 -14.90 2.09 -3.80
CA TYR A 128 -13.81 3.11 -3.87
C TYR A 128 -12.79 2.94 -5.01
N GLN A 129 -13.26 2.86 -6.25
CA GLN A 129 -12.38 2.64 -7.42
C GLN A 129 -11.81 4.00 -7.97
N HIS A 130 -10.62 3.99 -8.62
CA HIS A 130 -9.88 5.24 -9.00
C HIS A 130 -8.68 4.89 -9.89
N GLU A 131 -8.21 5.85 -10.69
CA GLU A 131 -7.10 5.67 -11.66
C GLU A 131 -5.80 5.10 -11.07
N ASN A 132 -5.50 5.55 -9.85
CA ASN A 132 -4.29 5.20 -9.10
C ASN A 132 -4.56 4.16 -7.97
N VAL A 133 -5.68 3.43 -8.08
CA VAL A 133 -6.03 2.30 -7.21
C VAL A 133 -6.26 1.04 -8.08
N VAL A 134 -5.66 -0.06 -7.67
CA VAL A 134 -5.77 -1.33 -8.38
C VAL A 134 -7.28 -1.69 -8.44
N GLU A 135 -7.74 -2.05 -9.63
CA GLU A 135 -9.13 -2.37 -9.86
C GLU A 135 -9.37 -3.80 -9.42
N MET A 136 -10.42 -4.01 -8.64
CA MET A 136 -10.79 -5.36 -8.19
C MET A 136 -12.02 -5.77 -8.98
N TYR A 137 -12.04 -6.97 -9.58
CA TYR A 137 -13.15 -7.34 -10.47
C TYR A 137 -14.25 -8.14 -9.78
N ASN A 138 -13.89 -9.22 -9.06
CA ASN A 138 -14.88 -10.12 -8.46
C ASN A 138 -14.21 -10.77 -7.27
N SER A 139 -15.03 -11.24 -6.33
CA SER A 139 -14.54 -12.00 -5.18
C SER A 139 -15.31 -13.30 -5.07
N TYR A 140 -14.65 -14.33 -4.52
CA TYR A 140 -15.22 -15.63 -4.40
C TYR A 140 -14.74 -16.29 -3.12
N LEU A 141 -15.56 -17.23 -2.63
CA LEU A 141 -15.17 -18.13 -1.55
C LEU A 141 -14.84 -19.42 -2.18
N VAL A 142 -13.60 -19.86 -2.06
CA VAL A 142 -13.16 -21.12 -2.66
C VAL A 142 -12.56 -22.00 -1.56
N GLY A 143 -13.32 -23.00 -1.14
CA GLY A 143 -13.01 -23.81 0.01
C GLY A 143 -12.86 -22.96 1.26
N ASP A 144 -11.67 -22.96 1.80
CA ASP A 144 -11.34 -22.19 3.01
C ASP A 144 -10.72 -20.81 2.72
N GLU A 145 -10.71 -20.37 1.45
CA GLU A 145 -10.02 -19.16 1.06
C GLU A 145 -10.94 -18.14 0.37
N LEU A 146 -10.67 -16.89 0.63
CA LEU A 146 -11.25 -15.76 -0.09
C LEU A 146 -10.29 -15.51 -1.27
N TRP A 147 -10.82 -15.52 -2.49
CA TRP A 147 -10.07 -15.12 -3.70
C TRP A 147 -10.66 -13.84 -4.27
N VAL A 148 -9.78 -12.92 -4.59
CA VAL A 148 -10.15 -11.72 -5.25
C VAL A 148 -9.42 -11.70 -6.59
N VAL A 149 -10.21 -11.59 -7.64
CA VAL A 149 -9.73 -11.48 -9.00
C VAL A 149 -9.63 -10.00 -9.30
N MET A 150 -8.43 -9.59 -9.68
CA MET A 150 -8.11 -8.19 -9.83
C MET A 150 -7.19 -7.90 -10.97
N GLU A 151 -7.05 -6.61 -11.23
CA GLU A 151 -6.15 -6.10 -12.26
C GLU A 151 -4.75 -6.61 -11.99
N PHE A 152 -4.06 -7.08 -13.03
CA PHE A 152 -2.67 -7.52 -12.91
C PHE A 152 -1.74 -6.33 -13.22
N LEU A 153 -0.91 -5.99 -12.26
CA LEU A 153 0.05 -4.88 -12.39
C LEU A 153 1.40 -5.51 -12.76
N GLU A 154 1.62 -5.63 -14.05
CA GLU A 154 2.69 -6.50 -14.58
C GLU A 154 4.11 -5.95 -14.33
N GLY A 155 4.19 -4.66 -14.02
CA GLY A 155 5.43 -3.99 -13.63
C GLY A 155 5.93 -4.34 -12.25
N GLY A 156 5.13 -5.00 -11.42
CA GLY A 156 5.60 -5.47 -10.15
C GLY A 156 5.50 -4.35 -9.12
N ALA A 157 6.16 -4.55 -7.98
CA ALA A 157 6.03 -3.68 -6.86
C ALA A 157 7.19 -2.68 -6.85
N LEU A 158 6.90 -1.52 -6.27
CA LEU A 158 7.96 -0.50 -6.07
C LEU A 158 9.12 -1.04 -5.23
N THR A 159 8.88 -2.01 -4.34
CA THR A 159 9.96 -2.60 -3.57
C THR A 159 11.12 -3.12 -4.42
N ASP A 160 10.80 -3.76 -5.56
CA ASP A 160 11.87 -4.37 -6.36
C ASP A 160 12.77 -3.26 -6.98
N ILE A 161 12.18 -2.09 -7.26
CA ILE A 161 12.91 -0.90 -7.75
C ILE A 161 13.83 -0.30 -6.66
N VAL A 162 13.29 -0.05 -5.47
CA VAL A 162 14.05 0.69 -4.45
C VAL A 162 15.17 -0.14 -3.86
N THR A 163 14.99 -1.46 -3.88
CA THR A 163 16.03 -2.30 -3.36
C THR A 163 17.18 -2.53 -4.40
N HIS A 164 16.94 -2.29 -5.69
CA HIS A 164 17.93 -2.59 -6.72
C HIS A 164 18.47 -1.41 -7.51
N THR A 165 17.84 -0.24 -7.51
CA THR A 165 18.35 0.93 -8.31
C THR A 165 18.14 2.22 -7.56
N ARG A 166 18.68 3.30 -8.10
CA ARG A 166 18.48 4.62 -7.51
C ARG A 166 17.47 5.36 -8.37
N MET A 167 16.45 5.86 -7.73
CA MET A 167 15.49 6.73 -8.35
C MET A 167 16.01 8.18 -8.34
N ASN A 168 15.79 8.90 -9.41
CA ASN A 168 15.96 10.36 -9.44
C ASN A 168 14.69 11.09 -9.00
N GLU A 169 14.75 12.42 -8.89
CA GLU A 169 13.65 13.12 -8.25
C GLU A 169 12.44 13.32 -9.13
N GLU A 170 12.62 13.33 -10.43
CA GLU A 170 11.52 13.21 -11.36
C GLU A 170 10.68 11.91 -11.16
N GLN A 171 11.37 10.81 -10.90
CA GLN A 171 10.75 9.51 -10.70
C GLN A 171 10.12 9.47 -9.29
N ILE A 172 10.79 10.04 -8.29
CA ILE A 172 10.26 10.10 -6.95
C ILE A 172 9.01 10.94 -6.90
N ALA A 173 9.06 12.10 -7.55
CA ALA A 173 7.91 13.01 -7.60
C ALA A 173 6.70 12.40 -8.31
N ALA A 174 6.97 11.64 -9.38
CA ALA A 174 5.96 10.97 -10.11
C ALA A 174 5.26 9.92 -9.24
N VAL A 175 6.03 9.14 -8.46
CA VAL A 175 5.46 8.19 -7.50
C VAL A 175 4.63 8.91 -6.45
N CYS A 176 5.19 9.96 -5.86
CA CYS A 176 4.51 10.69 -4.80
C CYS A 176 3.21 11.36 -5.27
N LEU A 177 3.25 11.93 -6.46
CA LEU A 177 2.04 12.53 -7.03
C LEU A 177 0.90 11.52 -7.25
N ALA A 178 1.25 10.37 -7.80
CA ALA A 178 0.28 9.32 -8.03
C ALA A 178 -0.35 8.79 -6.72
N VAL A 179 0.52 8.53 -5.75
CA VAL A 179 0.08 8.10 -4.45
C VAL A 179 -0.79 9.13 -3.75
N LEU A 180 -0.37 10.40 -3.82
CA LEU A 180 -1.16 11.46 -3.20
C LEU A 180 -2.49 11.72 -3.91
N GLN A 181 -2.56 11.52 -5.23
CA GLN A 181 -3.87 11.64 -5.90
C GLN A 181 -4.85 10.57 -5.34
N ALA A 182 -4.42 9.32 -5.21
CA ALA A 182 -5.20 8.25 -4.60
C ALA A 182 -5.60 8.60 -3.16
N LEU A 183 -4.62 8.97 -2.33
CA LEU A 183 -4.91 9.28 -0.94
C LEU A 183 -5.85 10.48 -0.76
N SER A 184 -5.72 11.52 -1.58
CA SER A 184 -6.63 12.66 -1.42
C SER A 184 -8.10 12.25 -1.59
N VAL A 185 -8.38 11.38 -2.56
CA VAL A 185 -9.74 10.91 -2.83
C VAL A 185 -10.20 9.98 -1.70
N LEU A 186 -9.34 9.04 -1.31
CA LEU A 186 -9.68 8.10 -0.24
C LEU A 186 -9.93 8.81 1.10
N HIS A 187 -9.00 9.64 1.49
CA HIS A 187 -9.10 10.40 2.73
C HIS A 187 -10.35 11.30 2.74
N ALA A 188 -10.71 11.91 1.62
CA ALA A 188 -11.94 12.74 1.60
C ALA A 188 -13.22 11.91 1.83
N GLN A 189 -13.18 10.59 1.60
CA GLN A 189 -14.32 9.73 1.92
C GLN A 189 -14.11 8.92 3.20
N GLY A 190 -13.12 9.31 4.00
CA GLY A 190 -12.87 8.70 5.31
C GLY A 190 -12.07 7.41 5.30
N VAL A 191 -11.52 6.98 4.15
CA VAL A 191 -10.84 5.70 4.07
C VAL A 191 -9.36 5.92 4.37
N ILE A 192 -8.83 5.23 5.38
CA ILE A 192 -7.41 5.26 5.74
C ILE A 192 -6.80 3.93 5.27
N HIS A 193 -5.74 3.99 4.49
CA HIS A 193 -5.16 2.75 3.97
C HIS A 193 -4.48 1.89 5.08
N ARG A 194 -3.63 2.54 5.88
CA ARG A 194 -2.91 2.02 7.04
C ARG A 194 -1.76 1.06 6.78
N ASP A 195 -1.39 0.85 5.52
CA ASP A 195 -0.19 0.04 5.20
C ASP A 195 0.53 0.56 3.99
N ILE A 196 0.69 1.87 3.95
CA ILE A 196 1.50 2.54 2.93
C ILE A 196 2.99 2.15 3.11
N LYS A 197 3.56 1.55 2.07
CA LYS A 197 4.97 1.20 1.95
C LYS A 197 5.23 0.80 0.49
N SER A 198 6.51 0.65 0.10
CA SER A 198 6.82 0.38 -1.30
C SER A 198 6.15 -0.95 -1.81
N ASP A 199 5.97 -1.91 -0.90
CA ASP A 199 5.35 -3.18 -1.22
C ASP A 199 3.88 -3.03 -1.67
N SER A 200 3.20 -1.97 -1.24
CA SER A 200 1.82 -1.72 -1.59
C SER A 200 1.62 -0.86 -2.82
N ILE A 201 2.70 -0.41 -3.46
CA ILE A 201 2.61 0.39 -4.64
C ILE A 201 3.01 -0.44 -5.83
N LEU A 202 2.10 -0.60 -6.78
CA LEU A 202 2.32 -1.49 -7.92
C LEU A 202 2.37 -0.64 -9.18
N LEU A 203 3.00 -1.21 -10.19
CA LEU A 203 3.24 -0.55 -11.46
C LEU A 203 2.73 -1.34 -12.66
N THR A 204 2.25 -0.61 -13.66
CA THR A 204 2.04 -1.16 -15.01
C THR A 204 3.34 -1.20 -15.83
N HIS A 205 3.33 -1.94 -16.94
CA HIS A 205 4.47 -2.00 -17.84
C HIS A 205 4.85 -0.62 -18.36
N ASP A 206 3.85 0.26 -18.51
CA ASP A 206 4.10 1.61 -19.03
C ASP A 206 4.25 2.69 -17.93
N GLY A 207 4.47 2.25 -16.68
CA GLY A 207 4.93 3.10 -15.57
C GLY A 207 3.84 3.82 -14.79
N ARG A 208 2.59 3.42 -14.97
CA ARG A 208 1.49 3.99 -14.18
C ARG A 208 1.54 3.38 -12.76
N VAL A 209 1.23 4.20 -11.75
CA VAL A 209 1.47 3.85 -10.36
C VAL A 209 0.15 3.66 -9.64
N LYS A 210 -0.02 2.55 -8.92
CA LYS A 210 -1.32 2.28 -8.30
C LYS A 210 -1.18 1.72 -6.91
N LEU A 211 -2.05 2.16 -6.03
N LEU A 211 -2.02 2.20 -6.01
CA LEU A 211 -2.09 1.69 -4.68
CA LEU A 211 -2.12 1.68 -4.65
C LEU A 211 -2.87 0.38 -4.57
C LEU A 211 -2.86 0.36 -4.59
N SER A 212 -2.32 -0.58 -3.82
CA SER A 212 -2.88 -1.90 -3.65
C SER A 212 -2.89 -2.27 -2.16
N ASP A 213 -3.31 -3.50 -1.86
CA ASP A 213 -3.26 -4.11 -0.50
C ASP A 213 -4.01 -3.30 0.57
N PHE A 214 -5.33 -3.25 0.41
CA PHE A 214 -6.24 -2.53 1.29
C PHE A 214 -6.77 -3.42 2.43
N GLY A 215 -6.14 -4.57 2.64
CA GLY A 215 -6.61 -5.51 3.64
C GLY A 215 -6.68 -4.96 5.06
N PHE A 216 -5.90 -3.94 5.36
CA PHE A 216 -5.84 -3.37 6.71
C PHE A 216 -6.49 -2.01 6.80
N CYS A 217 -7.22 -1.60 5.79
CA CYS A 217 -7.78 -0.25 5.83
C CYS A 217 -8.92 -0.14 6.88
N ALA A 218 -9.36 1.09 7.15
CA ALA A 218 -10.50 1.37 8.03
C ALA A 218 -11.17 2.65 7.55
N GLN A 219 -12.36 2.90 8.06
CA GLN A 219 -13.14 4.08 7.72
C GLN A 219 -13.33 4.92 8.92
N VAL A 220 -13.20 6.23 8.75
CA VAL A 220 -13.60 7.22 9.75
C VAL A 220 -14.77 8.05 9.21
N SER A 221 -15.44 8.74 10.12
CA SER A 221 -16.71 9.42 9.82
C SER A 221 -17.04 10.30 10.99
N LYS A 222 -18.07 11.13 10.85
CA LYS A 222 -18.51 11.94 11.98
C LYS A 222 -18.81 11.10 13.23
N GLU A 223 -19.42 9.93 13.05
CA GLU A 223 -19.75 9.08 14.17
C GLU A 223 -18.54 8.28 14.74
N VAL A 224 -17.52 8.04 13.91
CA VAL A 224 -16.31 7.35 14.37
C VAL A 224 -15.13 8.20 13.84
N PRO A 225 -14.77 9.27 14.54
CA PRO A 225 -13.81 10.19 13.89
C PRO A 225 -12.35 9.69 13.88
N ARG A 226 -12.01 8.73 14.73
CA ARG A 226 -10.63 8.25 14.84
C ARG A 226 -10.63 6.73 14.93
N ARG A 227 -9.53 6.12 14.53
CA ARG A 227 -9.34 4.70 14.71
C ARG A 227 -8.38 4.51 15.87
N LYS A 228 -8.36 3.31 16.46
CA LYS A 228 -7.46 2.99 17.57
C LYS A 228 -6.58 1.76 17.33
N LEU A 230 -3.89 -1.13 16.41
CA LEU A 230 -2.47 -1.30 16.09
C LEU A 230 -2.35 -2.12 14.80
N VAL A 231 -2.19 -1.42 13.68
CA VAL A 231 -2.21 -2.06 12.37
C VAL A 231 -1.13 -1.39 11.51
N GLY A 232 -0.52 -2.15 10.61
CA GLY A 232 0.45 -1.66 9.64
C GLY A 232 1.70 -2.52 9.67
N THR A 233 2.84 -1.96 9.25
CA THR A 233 4.11 -2.66 9.19
C THR A 233 5.06 -1.82 9.99
N PRO A 234 5.65 -2.40 11.06
CA PRO A 234 6.39 -1.66 12.07
C PRO A 234 7.22 -0.43 11.65
N TYR A 235 8.11 -0.62 10.67
CA TYR A 235 9.04 0.45 10.27
C TYR A 235 8.34 1.65 9.63
N TRP A 236 7.12 1.45 9.14
CA TRP A 236 6.38 2.51 8.46
C TRP A 236 5.28 3.13 9.34
N MET A 237 5.10 2.65 10.57
CA MET A 237 3.95 3.07 11.38
C MET A 237 4.14 4.49 11.92
N ALA A 238 3.06 5.27 11.92
CA ALA A 238 3.10 6.64 12.44
C ALA A 238 3.36 6.62 13.97
N PRO A 239 4.06 7.64 14.53
CA PRO A 239 4.30 7.63 16.01
C PRO A 239 3.05 7.67 16.88
N GLU A 240 2.05 8.45 16.48
CA GLU A 240 0.78 8.48 17.21
C GLU A 240 0.09 7.11 17.23
N LEU A 241 0.23 6.33 16.16
CA LEU A 241 -0.33 4.96 16.11
C LEU A 241 0.42 3.96 16.98
N ILE A 242 1.72 3.98 16.93
CA ILE A 242 2.58 3.24 17.90
C ILE A 242 2.30 3.66 19.35
N SER A 243 2.03 4.95 19.57
CA SER A 243 1.72 5.45 20.93
C SER A 243 0.32 5.06 21.43
N ARG A 244 -0.47 4.46 20.56
CA ARG A 244 -1.84 4.05 20.86
C ARG A 244 -2.76 5.24 21.11
N LEU A 245 -2.49 6.35 20.44
CA LEU A 245 -3.43 7.47 20.45
C LEU A 245 -4.45 7.23 19.32
N PRO A 246 -5.71 7.71 19.50
CA PRO A 246 -6.64 7.68 18.38
C PRO A 246 -6.10 8.48 17.21
N TYR A 247 -6.32 8.00 15.99
CA TYR A 247 -5.66 8.58 14.83
C TYR A 247 -6.57 8.59 13.65
N GLY A 248 -6.15 9.32 12.64
CA GLY A 248 -6.90 9.47 11.41
C GLY A 248 -6.08 9.27 10.15
N PRO A 249 -6.55 9.86 9.05
CA PRO A 249 -5.86 9.72 7.73
C PRO A 249 -4.37 10.18 7.74
N GLU A 250 -4.03 10.99 8.72
CA GLU A 250 -2.67 11.54 8.89
C GLU A 250 -1.61 10.43 8.89
N VAL A 251 -1.98 9.25 9.40
CA VAL A 251 -1.01 8.16 9.51
C VAL A 251 -0.48 7.69 8.16
N ASP A 252 -1.31 7.79 7.12
CA ASP A 252 -0.88 7.45 5.77
C ASP A 252 0.19 8.44 5.28
N ILE A 253 0.05 9.72 5.65
CA ILE A 253 1.01 10.74 5.23
C ILE A 253 2.39 10.50 5.86
N TRP A 254 2.43 10.11 7.12
CA TRP A 254 3.68 9.70 7.76
C TRP A 254 4.29 8.51 7.01
N SER A 255 3.47 7.49 6.78
CA SER A 255 3.94 6.27 6.15
C SER A 255 4.47 6.57 4.76
N LEU A 256 3.83 7.48 4.04
CA LEU A 256 4.37 7.96 2.76
C LEU A 256 5.76 8.61 2.91
N GLY A 257 5.98 9.40 3.95
CA GLY A 257 7.31 9.92 4.30
C GLY A 257 8.38 8.84 4.39
N ILE A 258 8.05 7.75 5.07
CA ILE A 258 8.97 6.64 5.24
C ILE A 258 9.22 5.99 3.90
N MET A 259 8.19 5.89 3.06
CA MET A 259 8.40 5.40 1.70
C MET A 259 9.33 6.34 0.87
N VAL A 260 9.25 7.64 1.08
CA VAL A 260 10.19 8.57 0.41
C VAL A 260 11.61 8.20 0.82
N ILE A 261 11.83 7.96 2.12
CA ILE A 261 13.14 7.51 2.63
C ILE A 261 13.52 6.20 1.97
N GLU A 262 12.56 5.28 1.78
CA GLU A 262 12.87 4.09 1.01
C GLU A 262 13.36 4.41 -0.38
N MET A 263 12.71 5.35 -1.06
CA MET A 263 13.08 5.66 -2.44
C MET A 263 14.48 6.31 -2.55
N VAL A 264 14.86 7.04 -1.52
CA VAL A 264 16.17 7.69 -1.47
C VAL A 264 17.26 6.73 -0.96
N ASP A 265 17.02 6.08 0.18
CA ASP A 265 18.01 5.29 0.92
C ASP A 265 17.95 3.82 0.59
N GLY A 266 16.83 3.34 0.02
CA GLY A 266 16.68 1.93 -0.31
C GLY A 266 16.00 1.11 0.77
N GLU A 267 15.86 1.68 1.96
CA GLU A 267 15.24 1.00 3.09
C GLU A 267 14.70 2.04 4.06
N PRO A 268 13.69 1.65 4.88
CA PRO A 268 13.12 2.58 5.85
C PRO A 268 14.11 2.75 7.00
N PRO A 269 13.94 3.77 7.86
CA PRO A 269 14.83 3.89 9.00
C PRO A 269 14.74 2.70 9.96
N TYR A 270 15.85 2.37 10.63
CA TYR A 270 15.93 1.36 11.69
C TYR A 270 15.68 -0.04 11.19
N PHE A 271 15.95 -0.28 9.93
CA PHE A 271 15.49 -1.50 9.28
C PHE A 271 16.26 -2.73 9.75
N ASN A 272 17.46 -2.54 10.21
CA ASN A 272 18.23 -3.66 10.81
C ASN A 272 18.17 -3.63 12.36
N GLU A 273 17.09 -3.08 12.90
CA GLU A 273 16.71 -3.28 14.28
C GLU A 273 15.56 -4.26 14.23
N PRO A 274 15.36 -5.06 15.31
CA PRO A 274 14.13 -5.86 15.40
C PRO A 274 12.85 -4.95 15.38
N PRO A 275 11.71 -5.46 14.83
CA PRO A 275 10.51 -4.62 14.69
C PRO A 275 10.11 -3.85 15.98
N LEU A 276 10.08 -4.54 17.14
CA LEU A 276 9.68 -3.90 18.39
C LEU A 276 10.58 -2.75 18.83
N LYS A 277 11.90 -2.90 18.64
CA LYS A 277 12.81 -1.80 18.98
C LYS A 277 12.63 -0.64 18.02
N ALA A 278 12.49 -0.93 16.74
CA ALA A 278 12.28 0.11 15.73
C ALA A 278 11.04 0.94 16.06
N MET A 279 9.95 0.25 16.43
CA MET A 279 8.73 0.96 16.89
C MET A 279 8.97 1.86 18.10
N LYS A 280 9.69 1.34 19.08
CA LYS A 280 10.04 2.12 20.24
C LYS A 280 10.84 3.38 19.89
N MET A 281 11.76 3.24 18.95
CA MET A 281 12.56 4.36 18.51
C MET A 281 11.75 5.36 17.72
N ILE A 282 10.82 4.89 16.88
CA ILE A 282 9.92 5.78 16.13
C ILE A 282 9.09 6.59 17.10
N ARG A 283 8.54 5.91 18.10
CA ARG A 283 7.70 6.53 19.13
C ARG A 283 8.41 7.62 19.92
N ASP A 284 9.62 7.31 20.41
CA ASP A 284 10.36 8.20 21.36
C ASP A 284 11.29 9.24 20.73
N ASN A 285 11.74 9.03 19.49
CA ASN A 285 12.77 9.92 18.91
C ASN A 285 12.24 10.98 17.99
N LEU A 286 13.11 11.95 17.73
CA LEU A 286 12.83 12.98 16.73
C LEU A 286 12.58 12.28 15.40
N PRO A 287 11.91 12.94 14.45
CA PRO A 287 11.65 12.26 13.17
C PRO A 287 12.91 11.64 12.56
N PRO A 288 12.80 10.43 11.99
CA PRO A 288 14.01 9.84 11.41
C PRO A 288 14.57 10.64 10.22
N ARG A 289 15.87 10.53 10.02
CA ARG A 289 16.61 11.35 9.07
C ARG A 289 17.01 10.49 7.89
N LEU A 290 17.12 11.11 6.73
CA LEU A 290 17.78 10.47 5.59
C LEU A 290 19.23 10.10 5.96
N LYS A 291 19.69 8.93 5.57
CA LYS A 291 21.10 8.61 5.63
C LYS A 291 21.85 9.50 4.67
N ASN A 292 21.23 9.80 3.53
CA ASN A 292 21.87 10.47 2.41
C ASN A 292 21.29 11.89 2.22
N LEU A 293 21.25 12.70 3.27
CA LEU A 293 20.68 14.05 3.15
C LEU A 293 21.29 14.93 2.05
N HIS A 294 22.58 14.76 1.77
CA HIS A 294 23.26 15.42 0.66
C HIS A 294 22.80 15.00 -0.74
N LYS A 295 22.03 13.91 -0.85
CA LYS A 295 21.54 13.40 -2.10
C LYS A 295 20.09 13.77 -2.36
N VAL A 296 19.58 14.78 -1.68
CA VAL A 296 18.23 15.24 -1.95
C VAL A 296 18.24 16.74 -2.16
N SER A 297 17.41 17.22 -3.05
CA SER A 297 17.35 18.63 -3.33
C SER A 297 16.67 19.34 -2.17
N PRO A 298 16.86 20.65 -2.04
CA PRO A 298 16.10 21.32 -0.96
C PRO A 298 14.59 21.23 -1.13
N SER A 299 14.08 21.16 -2.36
CA SER A 299 12.65 20.95 -2.60
C SER A 299 12.16 19.60 -2.06
N LEU A 300 12.93 18.52 -2.31
CA LEU A 300 12.59 17.20 -1.74
C LEU A 300 12.64 17.19 -0.22
N LYS A 301 13.67 17.80 0.35
CA LYS A 301 13.79 17.87 1.80
C LYS A 301 12.60 18.65 2.44
N GLY A 302 12.25 19.79 1.84
CA GLY A 302 11.11 20.60 2.26
C GLY A 302 9.82 19.81 2.20
N PHE A 303 9.64 19.06 1.12
CA PHE A 303 8.50 18.14 0.98
C PHE A 303 8.46 17.11 2.13
N LEU A 304 9.55 16.39 2.31
CA LEU A 304 9.66 15.36 3.33
C LEU A 304 9.39 15.91 4.75
N ASP A 305 9.81 17.14 5.01
CA ASP A 305 9.55 17.78 6.31
C ASP A 305 8.08 18.05 6.56
N ARG A 306 7.24 18.12 5.52
CA ARG A 306 5.78 18.20 5.72
C ARG A 306 5.12 16.85 6.03
N LEU A 307 5.82 15.77 5.72
CA LEU A 307 5.33 14.41 5.87
C LEU A 307 5.71 13.88 7.23
N LEU A 308 6.99 13.93 7.57
CA LEU A 308 7.50 13.31 8.82
C LEU A 308 7.45 14.30 9.99
N VAL A 309 6.23 14.71 10.33
CA VAL A 309 5.93 15.64 11.43
C VAL A 309 5.31 14.80 12.53
N ARG A 310 5.87 14.88 13.73
CA ARG A 310 5.35 14.07 14.84
C ARG A 310 3.93 14.38 15.25
N ASP A 311 3.62 15.66 15.44
CA ASP A 311 2.26 16.07 15.79
C ASP A 311 1.34 15.91 14.55
N PRO A 312 0.32 14.99 14.60
CA PRO A 312 -0.50 14.81 13.39
C PRO A 312 -1.31 16.04 12.94
N ALA A 313 -1.64 16.93 13.87
CA ALA A 313 -2.28 18.20 13.53
C ALA A 313 -1.39 19.13 12.69
N GLN A 314 -0.07 18.98 12.76
CA GLN A 314 0.84 19.84 11.99
C GLN A 314 1.37 19.18 10.72
N ARG A 315 1.04 17.92 10.50
CA ARG A 315 1.47 17.19 9.32
C ARG A 315 0.64 17.72 8.16
N ALA A 316 1.19 17.83 6.96
CA ALA A 316 0.39 18.19 5.81
C ALA A 316 -0.69 17.10 5.49
N THR A 317 -1.80 17.50 4.91
CA THR A 317 -2.79 16.56 4.39
C THR A 317 -2.45 16.25 2.91
N ALA A 318 -3.00 15.16 2.39
CA ALA A 318 -2.82 14.85 0.98
C ALA A 318 -3.22 16.02 0.08
N ALA A 319 -4.36 16.63 0.39
CA ALA A 319 -4.87 17.73 -0.42
C ALA A 319 -3.91 18.88 -0.48
N GLU A 320 -3.32 19.24 0.67
CA GLU A 320 -2.25 20.25 0.72
C GLU A 320 -0.98 19.87 -0.07
N LEU A 321 -0.53 18.62 0.12
CA LEU A 321 0.67 18.13 -0.54
C LEU A 321 0.54 18.13 -2.06
N LEU A 322 -0.66 17.94 -2.60
CA LEU A 322 -0.80 18.01 -4.06
C LEU A 322 -0.34 19.35 -4.64
N LYS A 323 -0.33 20.42 -3.84
CA LYS A 323 0.12 21.75 -4.29
C LYS A 323 1.59 22.03 -3.98
N HIS A 324 2.32 21.07 -3.44
CA HIS A 324 3.66 21.37 -2.97
C HIS A 324 4.57 21.51 -4.21
N PRO A 325 5.49 22.47 -4.19
CA PRO A 325 6.32 22.65 -5.41
C PRO A 325 7.20 21.47 -5.82
N PHE A 326 7.65 20.62 -4.89
CA PHE A 326 8.31 19.36 -5.23
C PHE A 326 7.61 18.52 -6.31
N LEU A 327 6.28 18.45 -6.26
CA LEU A 327 5.56 17.64 -7.22
C LEU A 327 5.60 18.20 -8.63
N ALA A 328 5.97 19.47 -8.77
CA ALA A 328 6.20 20.08 -10.10
C ALA A 328 7.27 19.33 -10.87
N LYS A 329 8.20 18.70 -10.15
CA LYS A 329 9.23 17.85 -10.76
C LYS A 329 8.70 16.52 -11.39
N ALA A 330 7.44 16.14 -11.14
CA ALA A 330 6.99 14.81 -11.49
C ALA A 330 7.10 14.54 -12.98
N GLY A 331 7.75 13.43 -13.35
CA GLY A 331 7.80 13.07 -14.76
C GLY A 331 6.54 12.32 -15.13
N PRO A 332 6.33 12.09 -16.44
CA PRO A 332 5.26 11.22 -16.86
C PRO A 332 5.54 9.76 -16.45
N PRO A 333 4.51 8.88 -16.49
CA PRO A 333 4.71 7.44 -16.26
C PRO A 333 5.85 6.85 -17.07
N ALA A 334 6.05 7.32 -18.29
CA ALA A 334 7.20 6.85 -19.08
C ALA A 334 8.54 6.93 -18.33
N SER A 335 8.69 7.96 -17.48
CA SER A 335 9.94 8.19 -16.73
C SER A 335 10.25 7.05 -15.73
N ILE A 336 9.22 6.36 -15.27
CA ILE A 336 9.32 5.19 -14.35
C ILE A 336 9.74 3.86 -15.04
N VAL A 337 9.35 3.70 -16.31
CA VAL A 337 9.59 2.46 -17.09
C VAL A 337 11.00 1.84 -17.01
N PRO A 338 12.07 2.64 -17.21
CA PRO A 338 13.45 2.09 -17.14
C PRO A 338 13.92 1.54 -15.76
N LEU A 339 13.22 1.89 -14.70
CA LEU A 339 13.51 1.35 -13.38
C LEU A 339 13.13 -0.15 -13.23
N MET A 340 12.16 -0.64 -14.00
CA MET A 340 11.62 -2.01 -13.79
C MET A 340 12.57 -3.10 -14.24
N ARG A 341 12.50 -4.23 -13.56
CA ARG A 341 13.46 -5.35 -13.75
C ARG A 341 13.66 -5.70 -15.23
N GLN A 342 12.59 -5.74 -15.98
CA GLN A 342 12.65 -6.13 -17.40
C GLN A 342 13.37 -5.15 -18.31
N ASN A 343 13.63 -3.94 -17.81
CA ASN A 343 14.30 -2.88 -18.59
C ASN A 343 15.67 -2.43 -18.06
N ARG A 344 16.01 -2.72 -16.81
CA ARG A 344 17.28 -2.29 -16.23
C ARG A 344 18.49 -2.86 -16.97
N SER B 3 14.39 -8.45 12.35
CA SER B 3 15.34 -7.50 11.69
C SER B 3 15.18 -7.56 10.16
N ARG B 4 15.02 -6.38 9.54
CA ARG B 4 14.74 -6.25 8.10
C ARG B 4 13.42 -6.94 7.71
N ALA B 5 12.40 -6.68 8.53
CA ALA B 5 11.10 -7.36 8.43
C ALA B 5 10.09 -6.61 7.55
N ARG B 6 9.86 -7.12 6.34
CA ARG B 6 8.74 -6.66 5.50
C ARG B 6 7.48 -7.49 5.86
N TYR B 7 7.13 -7.50 7.16
CA TYR B 7 6.07 -8.36 7.72
C TYR B 7 5.12 -7.49 8.53
N GLU B 8 3.84 -7.53 8.16
CA GLU B 8 2.85 -6.58 8.66
C GLU B 8 2.29 -7.02 10.04
N MET B 9 1.24 -6.36 10.51
CA MET B 9 0.54 -6.73 11.75
C MET B 9 -0.96 -6.48 11.59
#